data_8Y4Y
#
_entry.id   8Y4Y
#
_cell.length_a   100.497
_cell.length_b   100.497
_cell.length_c   205.983
_cell.angle_alpha   90.00
_cell.angle_beta   90.00
_cell.angle_gamma   90.00
#
_symmetry.space_group_name_H-M   'I 4 2 2'
#
loop_
_entity.id
_entity.type
_entity.pdbx_description
1 polymer 'ABC transporter substrate-binding protein'
2 non-polymer GLYCEROL
3 non-polymer DI(HYDROXYETHYL)ETHER
4 non-polymer 'CITRATE ANION'
5 non-polymer 'FE (III) ION'
6 water water
#
_entity_poly.entity_id   1
_entity_poly.type   'polypeptide(L)'
_entity_poly.pdbx_seq_one_letter_code
;RSVQDEQGTFELEAIPQRIVVLEFSFVDALAAVDVSPVGVADDNDATRVIPAVRDKIEPWQSVGMRSQPSLEAIAVLKPD
LIIADAERHRAIYQDLQRIAPTLLLKSRGETYKENLESAQKIGVAIGKQAQMTQRIEQHKQTMAEFKQHFATQETIQFGV
VSDKGMWLHSPVSYAGGVLSTLGIQSPLAPSEQKAYIPTSFELLLKTNPDWLLVGLYSQPNIVDEWRKNPLFKLLTAAKK
QQLVEVSPELWSLNRGMLAAEEIARNLEALL
;
_entity_poly.pdbx_strand_id   A
#
loop_
_chem_comp.id
_chem_comp.type
_chem_comp.name
_chem_comp.formula
FE non-polymer 'FE (III) ION' 'Fe 3'
FLC non-polymer 'CITRATE ANION' 'C6 H5 O7 -3'
GOL non-polymer GLYCEROL 'C3 H8 O3'
PEG non-polymer DI(HYDROXYETHYL)ETHER 'C4 H10 O3'
#
# COMPACT_ATOMS: atom_id res chain seq x y z
N ARG A 1 9.94 -0.06 25.97
CA ARG A 1 9.79 -0.22 24.53
C ARG A 1 10.41 0.93 23.74
N SER A 2 11.07 0.60 22.63
CA SER A 2 11.74 1.61 21.81
C SER A 2 11.87 1.09 20.39
N VAL A 3 11.66 1.99 19.40
CA VAL A 3 11.87 1.69 18.00
C VAL A 3 12.65 2.83 17.35
N GLN A 4 13.18 2.53 16.17
CA GLN A 4 13.78 3.53 15.32
C GLN A 4 12.79 3.82 14.19
N ASP A 5 12.19 5.02 14.21
CA ASP A 5 11.34 5.44 13.11
C ASP A 5 12.15 6.33 12.16
N GLU A 6 11.45 7.00 11.24
CA GLU A 6 12.16 7.74 10.21
C GLU A 6 12.77 9.03 10.71
N GLN A 7 12.67 9.33 12.01
CA GLN A 7 13.31 10.49 12.59
C GLN A 7 14.26 10.14 13.73
N GLY A 8 14.48 8.86 13.99
CA GLY A 8 15.30 8.48 15.11
C GLY A 8 14.56 7.59 16.07
N THR A 9 14.61 7.93 17.35
CA THR A 9 14.11 7.06 18.42
C THR A 9 12.70 7.46 18.79
N PHE A 10 11.82 6.47 18.91
CA PHE A 10 10.49 6.63 19.44
C PHE A 10 10.35 5.73 20.66
N GLU A 11 10.01 6.32 21.81
CA GLU A 11 9.86 5.57 23.06
C GLU A 11 8.45 5.71 23.61
N LEU A 12 7.96 4.63 24.20
CA LEU A 12 6.64 4.63 24.83
C LEU A 12 6.69 3.75 26.07
N GLU A 13 6.13 4.24 27.16
CA GLU A 13 6.00 3.46 28.40
C GLU A 13 4.63 2.82 28.50
N ALA A 14 3.58 3.62 28.48
CA ALA A 14 2.23 3.10 28.63
C ALA A 14 1.77 2.42 27.34
N ILE A 15 0.82 1.50 27.50
CA ILE A 15 0.16 0.86 26.36
C ILE A 15 -0.86 1.82 25.77
N PRO A 16 -0.71 2.23 24.52
CA PRO A 16 -1.67 3.18 23.92
C PRO A 16 -3.01 2.52 23.67
N GLN A 17 -4.08 3.18 24.12
CA GLN A 17 -5.44 2.66 23.98
C GLN A 17 -6.16 3.25 22.79
N ARG A 18 -6.03 4.56 22.58
CA ARG A 18 -6.69 5.27 21.49
C ARG A 18 -5.63 5.63 20.45
N ILE A 19 -5.65 4.93 19.33
CA ILE A 19 -4.65 5.08 18.27
C ILE A 19 -5.31 5.76 17.07
N VAL A 20 -4.62 6.76 16.53
CA VAL A 20 -5.02 7.43 15.30
C VAL A 20 -3.94 7.19 14.27
N VAL A 21 -4.32 6.60 13.14
CA VAL A 21 -3.38 6.30 12.07
C VAL A 21 -3.72 7.17 10.87
N LEU A 22 -2.69 7.59 10.14
CA LEU A 22 -2.87 8.53 9.04
C LEU A 22 -2.66 7.89 7.68
N GLU A 23 -2.60 6.55 7.62
CA GLU A 23 -2.52 5.85 6.35
C GLU A 23 -3.17 4.49 6.45
N PHE A 24 -3.36 3.86 5.29
CA PHE A 24 -4.11 2.61 5.26
C PHE A 24 -3.24 1.43 5.63
N SER A 25 -1.93 1.47 5.33
CA SER A 25 -1.04 0.39 5.72
C SER A 25 -1.04 0.22 7.23
N PHE A 26 -1.12 1.32 7.96
CA PHE A 26 -1.13 1.25 9.41
C PHE A 26 -2.41 0.62 9.93
N VAL A 27 -3.53 0.85 9.22
CA VAL A 27 -4.77 0.18 9.57
C VAL A 27 -4.61 -1.33 9.44
N ASP A 28 -3.82 -1.79 8.47
CA ASP A 28 -3.57 -3.22 8.34
C ASP A 28 -2.81 -3.74 9.55
N ALA A 29 -1.68 -3.10 9.89
CA ALA A 29 -0.86 -3.57 11.00
C ALA A 29 -1.68 -3.67 12.29
N LEU A 30 -2.51 -2.66 12.57
CA LEU A 30 -3.35 -2.72 13.76
C LEU A 30 -4.38 -3.85 13.67
N ALA A 31 -5.02 -4.00 12.49
CA ALA A 31 -6.03 -5.04 12.34
C ALA A 31 -5.43 -6.44 12.44
N ALA A 32 -4.18 -6.61 12.05
CA ALA A 32 -3.52 -7.91 12.13
C ALA A 32 -3.40 -8.42 13.55
N VAL A 33 -3.52 -7.54 14.54
CA VAL A 33 -3.40 -7.93 15.94
C VAL A 33 -4.62 -7.40 16.70
N ASP A 34 -5.74 -7.29 15.98
CA ASP A 34 -7.05 -7.02 16.58
C ASP A 34 -7.08 -5.71 17.36
N VAL A 35 -6.39 -4.69 16.84
CA VAL A 35 -6.41 -3.36 17.41
C VAL A 35 -7.24 -2.47 16.49
N SER A 36 -8.25 -1.83 17.06
CA SER A 36 -9.10 -0.92 16.30
C SER A 36 -8.60 0.51 16.49
N PRO A 37 -8.10 1.17 15.45
CA PRO A 37 -7.78 2.60 15.59
C PRO A 37 -9.05 3.42 15.76
N VAL A 38 -8.99 4.41 16.65
CA VAL A 38 -10.14 5.29 16.83
C VAL A 38 -10.21 6.35 15.73
N GLY A 39 -9.10 6.61 15.05
CA GLY A 39 -9.11 7.59 13.98
C GLY A 39 -8.28 7.13 12.80
N VAL A 40 -8.81 7.35 11.59
CA VAL A 40 -8.12 7.00 10.37
C VAL A 40 -8.26 8.17 9.39
N ALA A 41 -7.15 8.57 8.80
CA ALA A 41 -7.19 9.47 7.64
C ALA A 41 -7.59 8.64 6.43
N ASP A 42 -8.86 8.67 6.08
CA ASP A 42 -9.39 7.83 5.01
C ASP A 42 -9.85 8.66 3.81
N ASP A 43 -9.39 9.90 3.72
CA ASP A 43 -9.83 10.80 2.65
C ASP A 43 -11.34 10.89 2.58
N ASN A 44 -12.00 10.76 3.73
CA ASN A 44 -13.46 10.84 3.84
C ASN A 44 -14.15 9.79 2.98
N ASP A 45 -13.66 8.55 3.06
CA ASP A 45 -14.22 7.43 2.31
C ASP A 45 -13.71 6.11 2.86
N ALA A 46 -14.43 5.55 3.83
CA ALA A 46 -13.96 4.34 4.51
C ALA A 46 -13.79 3.18 3.54
N THR A 47 -14.49 3.19 2.40
CA THR A 47 -14.36 2.08 1.46
C THR A 47 -13.00 2.03 0.78
N ARG A 48 -12.13 3.01 1.03
CA ARG A 48 -10.78 2.93 0.48
C ARG A 48 -9.96 1.86 1.20
N VAL A 49 -10.32 1.55 2.44
CA VAL A 49 -9.77 0.38 3.13
C VAL A 49 -10.52 -0.85 2.63
N ILE A 50 -9.77 -1.90 2.26
CA ILE A 50 -10.39 -3.11 1.75
C ILE A 50 -11.26 -3.75 2.82
N PRO A 51 -12.35 -4.43 2.45
CA PRO A 51 -13.27 -4.97 3.46
C PRO A 51 -12.65 -6.00 4.39
N ALA A 52 -11.59 -6.69 3.97
CA ALA A 52 -10.97 -7.70 4.84
C ALA A 52 -10.36 -7.07 6.08
N VAL A 53 -10.02 -5.79 6.03
CA VAL A 53 -9.49 -5.09 7.20
C VAL A 53 -10.60 -4.57 8.08
N ARG A 54 -11.59 -3.90 7.48
CA ARG A 54 -12.66 -3.30 8.27
C ARG A 54 -13.51 -4.36 8.97
N ASP A 55 -13.46 -5.61 8.49
CA ASP A 55 -14.14 -6.71 9.18
C ASP A 55 -13.42 -7.09 10.47
N LYS A 56 -12.10 -6.89 10.53
CA LYS A 56 -11.32 -7.25 11.70
C LYS A 56 -11.40 -6.21 12.82
N ILE A 57 -11.82 -4.98 12.50
CA ILE A 57 -11.71 -3.87 13.44
C ILE A 57 -13.04 -3.12 13.52
N GLU A 58 -13.18 -2.37 14.61
CA GLU A 58 -14.32 -1.50 14.81
C GLU A 58 -14.32 -0.34 13.82
N PRO A 59 -15.46 0.29 13.60
CA PRO A 59 -15.46 1.54 12.81
C PRO A 59 -14.71 2.64 13.53
N TRP A 60 -14.18 3.56 12.74
CA TRP A 60 -13.36 4.65 13.25
C TRP A 60 -14.02 5.99 12.96
N GLN A 61 -13.43 7.04 13.53
CA GLN A 61 -13.76 8.42 13.19
C GLN A 61 -12.75 8.93 12.16
N SER A 62 -13.25 9.45 11.05
CA SER A 62 -12.36 9.99 10.03
C SER A 62 -11.69 11.27 10.51
N VAL A 63 -10.38 11.37 10.29
CA VAL A 63 -9.67 12.61 10.55
C VAL A 63 -9.31 13.34 9.26
N GLY A 64 -9.89 12.93 8.14
CA GLY A 64 -9.77 13.72 6.94
C GLY A 64 -8.89 13.10 5.89
N MET A 65 -8.27 13.95 5.06
CA MET A 65 -7.48 13.48 3.93
C MET A 65 -6.11 13.02 4.39
N ARG A 66 -5.63 11.92 3.78
CA ARG A 66 -4.32 11.39 4.13
C ARG A 66 -3.23 12.42 3.87
N SER A 67 -3.35 13.19 2.79
CA SER A 67 -2.34 14.19 2.45
C SER A 67 -2.40 15.40 3.36
N GLN A 68 -3.54 15.68 3.97
CA GLN A 68 -3.73 16.91 4.75
C GLN A 68 -4.73 16.64 5.87
N PRO A 69 -4.30 15.90 6.90
CA PRO A 69 -5.24 15.53 7.97
C PRO A 69 -5.68 16.74 8.78
N SER A 70 -6.86 16.60 9.39
CA SER A 70 -7.40 17.61 10.28
C SER A 70 -6.78 17.43 11.65
N LEU A 71 -5.88 18.34 12.04
CA LEU A 71 -5.31 18.29 13.39
C LEU A 71 -6.40 18.42 14.45
N GLU A 72 -7.46 19.19 14.17
CA GLU A 72 -8.55 19.30 15.13
C GLU A 72 -9.22 17.95 15.35
N ALA A 73 -9.61 17.29 14.26
CA ALA A 73 -10.27 15.99 14.39
C ALA A 73 -9.40 14.99 15.13
N ILE A 74 -8.10 15.00 14.87
CA ILE A 74 -7.17 14.11 15.57
C ILE A 74 -7.18 14.43 17.06
N ALA A 75 -7.06 15.71 17.41
CA ALA A 75 -6.94 16.09 18.81
C ALA A 75 -8.23 15.80 19.57
N VAL A 76 -9.38 16.01 18.94
CA VAL A 76 -10.66 15.76 19.62
C VAL A 76 -10.79 14.29 20.00
N LEU A 77 -10.24 13.39 19.18
CA LEU A 77 -10.28 11.97 19.49
C LEU A 77 -9.44 11.61 20.70
N LYS A 78 -8.69 12.55 21.26
CA LYS A 78 -7.87 12.33 22.44
C LYS A 78 -7.03 11.04 22.31
N PRO A 79 -6.16 10.95 21.31
CA PRO A 79 -5.35 9.73 21.14
C PRO A 79 -4.13 9.76 22.04
N ASP A 80 -3.56 8.59 22.25
CA ASP A 80 -2.28 8.49 22.92
C ASP A 80 -1.21 7.88 22.02
N LEU A 81 -1.50 7.71 20.74
CA LEU A 81 -0.52 7.30 19.74
C LEU A 81 -1.03 7.73 18.37
N ILE A 82 -0.19 8.43 17.62
CA ILE A 82 -0.47 8.81 16.24
C ILE A 82 0.57 8.16 15.36
N ILE A 83 0.13 7.47 14.32
CA ILE A 83 1.03 6.84 13.36
C ILE A 83 0.90 7.60 12.05
N ALA A 84 1.96 8.31 11.68
CA ALA A 84 1.97 9.17 10.52
C ALA A 84 2.86 8.59 9.44
N ASP A 85 2.76 9.15 8.23
CA ASP A 85 3.63 8.78 7.12
C ASP A 85 4.87 9.64 7.12
N ALA A 86 6.00 9.00 6.82
CA ALA A 86 7.27 9.72 6.80
C ALA A 86 7.34 10.70 5.63
N GLU A 87 6.79 10.33 4.47
CA GLU A 87 6.79 11.19 3.30
C GLU A 87 5.75 12.30 3.40
N ARG A 88 4.52 11.94 3.79
CA ARG A 88 3.39 12.85 3.72
C ARG A 88 3.34 13.83 4.89
N HIS A 89 3.84 13.45 6.06
CA HIS A 89 3.56 14.20 7.28
C HIS A 89 4.83 14.70 7.95
N ARG A 90 5.90 14.87 7.19
CA ARG A 90 7.12 15.45 7.76
C ARG A 90 6.87 16.86 8.28
N ALA A 91 6.16 17.68 7.50
CA ALA A 91 5.91 19.05 7.91
C ALA A 91 5.03 19.12 9.15
N ILE A 92 3.97 18.32 9.21
CA ILE A 92 3.04 18.40 10.35
C ILE A 92 3.42 17.48 11.50
N TYR A 93 4.56 16.80 11.41
CA TYR A 93 4.95 15.85 12.46
C TYR A 93 5.02 16.53 13.82
N GLN A 94 5.74 17.65 13.90
CA GLN A 94 5.90 18.34 15.17
C GLN A 94 4.56 18.82 15.71
N ASP A 95 3.64 19.21 14.83
CA ASP A 95 2.29 19.55 15.26
C ASP A 95 1.54 18.31 15.75
N LEU A 96 1.77 17.16 15.11
CA LEU A 96 1.19 15.92 15.59
C LEU A 96 1.73 15.55 16.96
N GLN A 97 3.01 15.79 17.21
CA GLN A 97 3.58 15.47 18.52
C GLN A 97 2.96 16.30 19.62
N ARG A 98 2.45 17.49 19.29
CA ARG A 98 1.78 18.29 20.31
C ARG A 98 0.51 17.60 20.79
N ILE A 99 -0.11 16.80 19.93
CA ILE A 99 -1.35 16.11 20.31
C ILE A 99 -1.04 14.86 21.12
N ALA A 100 -0.11 14.05 20.65
CA ALA A 100 0.21 12.77 21.28
C ALA A 100 1.53 12.27 20.72
N PRO A 101 2.16 11.29 21.37
CA PRO A 101 3.36 10.68 20.79
C PRO A 101 3.09 10.17 19.39
N THR A 102 3.93 10.57 18.45
CA THR A 102 3.72 10.29 17.04
C THR A 102 4.87 9.45 16.50
N LEU A 103 4.52 8.39 15.79
CA LEU A 103 5.46 7.47 15.16
C LEU A 103 5.49 7.74 13.66
N LEU A 104 6.66 8.09 13.13
CA LEU A 104 6.81 8.48 11.73
C LEU A 104 7.32 7.29 10.93
N LEU A 105 6.44 6.67 10.14
CA LEU A 105 6.79 5.45 9.42
C LEU A 105 6.50 5.60 7.94
N LYS A 106 6.98 4.65 7.15
CA LYS A 106 6.87 4.73 5.71
C LYS A 106 5.77 3.82 5.18
N SER A 107 5.09 4.29 4.14
CA SER A 107 4.11 3.51 3.41
C SER A 107 4.07 3.92 1.94
N ARG A 108 3.96 5.22 1.69
CA ARG A 108 3.87 5.72 0.34
C ARG A 108 5.24 5.70 -0.30
N GLY A 109 5.33 5.08 -1.49
CA GLY A 109 6.59 5.08 -2.23
C GLY A 109 7.66 4.16 -1.69
N GLU A 110 7.32 3.36 -0.69
CA GLU A 110 8.26 2.45 -0.08
C GLU A 110 7.91 1.01 -0.44
N THR A 111 8.87 0.12 -0.23
CA THR A 111 8.73 -1.24 -0.72
C THR A 111 7.73 -2.03 0.12
N TYR A 112 7.37 -3.20 -0.41
CA TYR A 112 6.55 -4.14 0.35
C TYR A 112 7.29 -4.60 1.59
N LYS A 113 8.61 -4.80 1.48
CA LYS A 113 9.42 -5.12 2.66
C LYS A 113 9.34 -4.00 3.70
N GLU A 114 9.62 -2.75 3.30
CA GLU A 114 9.59 -1.64 4.25
C GLU A 114 8.21 -1.47 4.88
N ASN A 115 7.14 -1.77 4.14
CA ASN A 115 5.82 -1.75 4.76
C ASN A 115 5.67 -2.84 5.81
N LEU A 116 6.30 -4.00 5.58
CA LEU A 116 6.33 -5.03 6.62
C LEU A 116 7.15 -4.58 7.82
N GLU A 117 8.30 -3.92 7.59
CA GLU A 117 9.08 -3.38 8.70
C GLU A 117 8.27 -2.42 9.54
N SER A 118 7.48 -1.54 8.91
CA SER A 118 6.69 -0.59 9.67
C SER A 118 5.64 -1.29 10.52
N ALA A 119 5.10 -2.40 10.03
CA ALA A 119 4.14 -3.16 10.83
C ALA A 119 4.79 -3.72 12.09
N GLN A 120 6.05 -4.17 11.96
CA GLN A 120 6.81 -4.62 13.14
C GLN A 120 6.98 -3.49 14.14
N LYS A 121 7.37 -2.30 13.66
CA LYS A 121 7.56 -1.18 14.58
C LYS A 121 6.25 -0.76 15.21
N ILE A 122 5.13 -0.92 14.49
CA ILE A 122 3.84 -0.64 15.09
C ILE A 122 3.55 -1.64 16.20
N GLY A 123 3.84 -2.93 15.95
CA GLY A 123 3.64 -3.93 16.99
C GLY A 123 4.43 -3.63 18.26
N VAL A 124 5.64 -3.09 18.11
CA VAL A 124 6.41 -2.67 19.28
C VAL A 124 5.71 -1.53 19.98
N ALA A 125 5.36 -0.47 19.22
CA ALA A 125 4.86 0.74 19.84
C ALA A 125 3.55 0.50 20.57
N ILE A 126 2.77 -0.50 20.15
CA ILE A 126 1.50 -0.80 20.79
C ILE A 126 1.62 -1.90 21.86
N GLY A 127 2.75 -2.59 21.92
CA GLY A 127 2.94 -3.59 22.95
C GLY A 127 2.49 -4.97 22.52
N LYS A 128 2.67 -5.31 21.25
CA LYS A 128 2.37 -6.63 20.72
C LYS A 128 3.49 -7.13 19.81
N GLN A 129 4.75 -6.90 20.22
CA GLN A 129 5.90 -7.42 19.48
C GLN A 129 5.73 -8.90 19.16
N ALA A 130 5.40 -9.72 20.16
CA ALA A 130 5.35 -11.15 19.93
C ALA A 130 4.21 -11.51 18.99
N GLN A 131 3.02 -10.95 19.23
CA GLN A 131 1.88 -11.27 18.37
C GLN A 131 2.10 -10.74 16.95
N MET A 132 2.59 -9.49 16.82
CA MET A 132 2.86 -8.96 15.49
C MET A 132 3.95 -9.76 14.78
N THR A 133 5.04 -10.10 15.49
CA THR A 133 6.10 -10.89 14.87
C THR A 133 5.56 -12.22 14.35
N GLN A 134 4.68 -12.86 15.12
CA GLN A 134 4.11 -14.13 14.68
C GLN A 134 3.16 -13.93 13.49
N ARG A 135 2.40 -12.82 13.51
CA ARG A 135 1.49 -12.54 12.39
C ARG A 135 2.26 -12.27 11.10
N ILE A 136 3.41 -11.60 11.22
CA ILE A 136 4.22 -11.32 10.03
C ILE A 136 4.81 -12.61 9.46
N GLU A 137 5.24 -13.53 10.33
CA GLU A 137 5.79 -14.80 9.85
C GLU A 137 4.72 -15.64 9.17
N GLN A 138 3.50 -15.68 9.72
CA GLN A 138 2.41 -16.40 9.06
C GLN A 138 2.08 -15.79 7.71
N HIS A 139 2.28 -14.48 7.57
CA HIS A 139 2.07 -13.85 6.27
C HIS A 139 3.19 -14.22 5.29
N LYS A 140 4.44 -14.19 5.73
CA LYS A 140 5.55 -14.53 4.84
C LYS A 140 5.44 -15.97 4.34
N GLN A 141 4.97 -16.88 5.19
CA GLN A 141 4.80 -18.27 4.77
C GLN A 141 3.59 -18.43 3.86
N THR A 142 2.53 -17.66 4.09
CA THR A 142 1.38 -17.69 3.20
C THR A 142 1.78 -17.27 1.78
N MET A 143 2.60 -16.22 1.68
CA MET A 143 3.04 -15.77 0.36
C MET A 143 4.01 -16.76 -0.26
N ALA A 144 4.88 -17.38 0.56
CA ALA A 144 5.76 -18.42 0.04
C ALA A 144 4.98 -19.61 -0.48
N GLU A 145 3.82 -19.90 0.11
CA GLU A 145 2.95 -20.94 -0.42
C GLU A 145 2.33 -20.52 -1.76
N PHE A 146 1.89 -19.26 -1.85
CA PHE A 146 1.38 -18.75 -3.12
C PHE A 146 2.47 -18.71 -4.18
N LYS A 147 3.73 -18.54 -3.76
CA LYS A 147 4.83 -18.54 -4.72
C LYS A 147 4.97 -19.89 -5.42
N GLN A 148 4.49 -20.96 -4.80
CA GLN A 148 4.55 -22.27 -5.41
C GLN A 148 3.39 -22.49 -6.39
N HIS A 149 2.21 -21.95 -6.09
CA HIS A 149 1.09 -22.05 -7.02
C HIS A 149 1.38 -21.35 -8.35
N PHE A 150 2.28 -20.38 -8.36
CA PHE A 150 2.66 -19.66 -9.57
C PHE A 150 3.92 -20.27 -10.16
N ALA A 151 3.89 -20.56 -11.46
CA ALA A 151 5.02 -21.12 -12.18
C ALA A 151 4.98 -20.55 -13.60
N THR A 152 5.19 -19.24 -13.70
CA THR A 152 5.19 -18.55 -14.98
C THR A 152 6.30 -17.53 -15.02
N GLN A 153 6.90 -17.35 -16.20
CA GLN A 153 7.93 -16.34 -16.42
C GLN A 153 7.37 -15.13 -17.16
N GLU A 154 6.07 -15.06 -17.37
CA GLU A 154 5.47 -13.86 -17.94
C GLU A 154 5.72 -12.66 -17.05
N THR A 155 5.89 -11.50 -17.68
CA THR A 155 6.05 -10.25 -16.96
C THR A 155 4.67 -9.67 -16.66
N ILE A 156 4.46 -9.29 -15.41
CA ILE A 156 3.24 -8.63 -14.97
C ILE A 156 3.61 -7.24 -14.48
N GLN A 157 2.79 -6.25 -14.83
CA GLN A 157 3.04 -4.85 -14.49
C GLN A 157 1.73 -4.20 -14.05
N PHE A 158 1.76 -3.60 -12.85
CA PHE A 158 0.62 -2.84 -12.36
C PHE A 158 0.87 -1.34 -12.52
N GLY A 159 -0.22 -0.60 -12.70
CA GLY A 159 -0.14 0.84 -12.80
C GLY A 159 -1.49 1.48 -12.54
N VAL A 160 -1.46 2.71 -12.06
CA VAL A 160 -2.68 3.49 -11.89
C VAL A 160 -2.82 4.40 -13.09
N VAL A 161 -4.05 4.67 -13.49
CA VAL A 161 -4.32 5.51 -14.64
C VAL A 161 -5.45 6.47 -14.32
N SER A 162 -5.40 7.63 -14.97
CA SER A 162 -6.47 8.61 -14.88
C SER A 162 -6.44 9.44 -16.16
N ASP A 163 -7.25 10.49 -16.19
CA ASP A 163 -7.14 11.46 -17.27
C ASP A 163 -5.78 12.13 -17.27
N LYS A 164 -5.16 12.26 -16.09
CA LYS A 164 -3.86 12.92 -16.00
C LYS A 164 -2.75 12.09 -16.63
N GLY A 165 -2.84 10.77 -16.50
CA GLY A 165 -1.84 9.92 -17.13
C GLY A 165 -1.82 8.55 -16.46
N MET A 166 -0.71 7.86 -16.65
CA MET A 166 -0.51 6.52 -16.13
C MET A 166 0.79 6.48 -15.32
N TRP A 167 0.76 5.81 -14.17
CA TRP A 167 1.93 5.65 -13.32
C TRP A 167 2.19 4.16 -13.13
N LEU A 168 3.29 3.67 -13.71
CA LEU A 168 3.66 2.28 -13.52
C LEU A 168 4.30 2.11 -12.15
N HIS A 169 3.81 1.12 -11.40
CA HIS A 169 4.38 0.78 -10.10
C HIS A 169 5.55 -0.18 -10.31
N SER A 170 6.76 0.32 -10.11
CA SER A 170 8.01 -0.39 -10.40
C SER A 170 8.26 -1.53 -9.42
N PRO A 171 9.34 -2.31 -9.59
CA PRO A 171 9.62 -3.38 -8.61
C PRO A 171 9.78 -2.88 -7.19
N VAL A 172 10.20 -1.63 -6.98
CA VAL A 172 10.38 -1.11 -5.62
C VAL A 172 9.12 -0.47 -5.06
N SER A 173 8.01 -0.51 -5.79
CA SER A 173 6.74 -0.13 -5.19
C SER A 173 6.21 -1.29 -4.35
N TYR A 174 5.16 -1.01 -3.57
CA TYR A 174 4.54 -2.06 -2.77
C TYR A 174 4.02 -3.18 -3.67
N ALA A 175 3.27 -2.82 -4.72
CA ALA A 175 2.75 -3.83 -5.64
C ALA A 175 3.86 -4.55 -6.37
N GLY A 176 4.94 -3.85 -6.71
CA GLY A 176 6.08 -4.52 -7.32
C GLY A 176 6.74 -5.52 -6.39
N GLY A 177 6.88 -5.16 -5.11
CA GLY A 177 7.46 -6.08 -4.15
C GLY A 177 6.58 -7.29 -3.91
N VAL A 178 5.26 -7.09 -3.88
CA VAL A 178 4.34 -8.22 -3.74
C VAL A 178 4.52 -9.20 -4.89
N LEU A 179 4.67 -8.69 -6.10
CA LEU A 179 4.86 -9.56 -7.25
C LEU A 179 6.20 -10.28 -7.17
N SER A 180 7.26 -9.59 -6.75
CA SER A 180 8.56 -10.24 -6.61
C SER A 180 8.52 -11.35 -5.57
N THR A 181 7.77 -11.14 -4.49
CA THR A 181 7.67 -12.17 -3.45
C THR A 181 6.95 -13.41 -3.98
N LEU A 182 5.94 -13.22 -4.83
CA LEU A 182 5.27 -14.34 -5.47
C LEU A 182 6.09 -14.98 -6.59
N GLY A 183 7.31 -14.52 -6.82
CA GLY A 183 8.13 -15.05 -7.90
C GLY A 183 7.73 -14.62 -9.29
N ILE A 184 6.97 -13.52 -9.42
CA ILE A 184 6.52 -13.03 -10.72
C ILE A 184 7.57 -12.08 -11.29
N GLN A 185 7.84 -12.22 -12.58
CA GLN A 185 8.86 -11.40 -13.23
C GLN A 185 8.30 -10.02 -13.54
N SER A 186 9.20 -9.02 -13.51
CA SER A 186 8.84 -7.64 -13.82
C SER A 186 9.37 -7.23 -15.17
N PRO A 187 8.59 -6.50 -15.97
CA PRO A 187 9.11 -6.02 -17.26
C PRO A 187 10.03 -4.82 -17.13
N LEU A 188 10.01 -4.13 -16.00
CA LEU A 188 10.86 -2.96 -15.82
C LEU A 188 12.27 -3.38 -15.42
N ALA A 189 13.21 -2.46 -15.65
CA ALA A 189 14.60 -2.71 -15.34
C ALA A 189 14.77 -3.05 -13.86
N PRO A 190 15.72 -3.92 -13.52
CA PRO A 190 15.89 -4.32 -12.12
C PRO A 190 16.33 -3.18 -11.22
N SER A 191 16.90 -2.11 -11.77
CA SER A 191 17.43 -0.99 -11.00
C SER A 191 16.57 0.25 -11.12
N GLU A 192 15.27 0.09 -11.39
CA GLU A 192 14.35 1.22 -11.32
C GLU A 192 14.24 1.69 -9.88
N GLN A 193 14.34 3.00 -9.68
CA GLN A 193 14.53 3.55 -8.34
C GLN A 193 13.35 4.33 -7.81
N LYS A 194 12.36 4.66 -8.64
CA LYS A 194 11.15 5.32 -8.17
C LYS A 194 9.99 4.34 -8.21
N ALA A 195 9.11 4.42 -7.21
CA ALA A 195 8.04 3.43 -7.09
C ALA A 195 6.93 3.70 -8.09
N TYR A 196 6.47 4.96 -8.18
CA TYR A 196 5.39 5.35 -9.09
C TYR A 196 6.00 6.15 -10.24
N ILE A 197 6.06 5.54 -11.41
CA ILE A 197 6.79 6.07 -12.56
C ILE A 197 5.79 6.73 -13.50
N PRO A 198 5.89 8.05 -13.73
CA PRO A 198 5.08 8.67 -14.79
C PRO A 198 5.41 8.04 -16.13
N THR A 199 4.39 7.50 -16.79
CA THR A 199 4.58 6.64 -17.94
C THR A 199 3.98 7.27 -19.18
N SER A 200 4.82 7.56 -20.17
CA SER A 200 4.34 7.99 -21.47
C SER A 200 3.90 6.78 -22.29
N PHE A 201 3.15 7.04 -23.36
CA PHE A 201 2.73 5.94 -24.22
C PHE A 201 3.94 5.23 -24.82
N GLU A 202 4.99 5.98 -25.17
CA GLU A 202 6.19 5.32 -25.69
C GLU A 202 6.85 4.47 -24.61
N LEU A 203 6.97 5.01 -23.39
CA LEU A 203 7.52 4.22 -22.29
C LEU A 203 6.73 2.94 -22.09
N LEU A 204 5.40 3.01 -22.21
CA LEU A 204 4.59 1.81 -22.11
C LEU A 204 4.94 0.82 -23.23
N LEU A 205 5.21 1.33 -24.42
CA LEU A 205 5.59 0.45 -25.53
C LEU A 205 6.97 -0.16 -25.30
N LYS A 206 7.91 0.61 -24.76
CA LYS A 206 9.23 0.04 -24.45
C LYS A 206 9.14 -1.05 -23.39
N THR A 207 8.20 -0.91 -22.45
CA THR A 207 8.08 -1.91 -21.39
C THR A 207 7.42 -3.18 -21.90
N ASN A 208 6.24 -3.03 -22.52
CA ASN A 208 5.45 -4.11 -23.12
C ASN A 208 5.36 -5.28 -22.15
N PRO A 209 4.64 -5.15 -21.04
CA PRO A 209 4.44 -6.31 -20.17
C PRO A 209 3.48 -7.30 -20.80
N ASP A 210 3.70 -8.57 -20.47
CA ASP A 210 2.77 -9.61 -20.92
C ASP A 210 1.40 -9.40 -20.30
N TRP A 211 1.35 -8.98 -19.03
CA TRP A 211 0.11 -8.61 -18.38
C TRP A 211 0.22 -7.17 -17.92
N LEU A 212 -0.82 -6.38 -18.19
CA LEU A 212 -0.88 -5.01 -17.71
C LEU A 212 -2.13 -4.88 -16.85
N LEU A 213 -1.95 -4.89 -15.54
CA LEU A 213 -3.05 -4.70 -14.61
C LEU A 213 -3.13 -3.21 -14.27
N VAL A 214 -4.33 -2.64 -14.36
CA VAL A 214 -4.50 -1.20 -14.26
C VAL A 214 -5.60 -0.90 -13.23
N GLY A 215 -5.29 -0.02 -12.29
CA GLY A 215 -6.28 0.48 -11.36
C GLY A 215 -6.79 1.81 -11.86
N LEU A 216 -8.10 1.87 -12.14
CA LEU A 216 -8.69 3.04 -12.76
C LEU A 216 -9.08 4.04 -11.69
N TYR A 217 -8.65 5.30 -11.87
CA TYR A 217 -9.10 6.39 -11.02
C TYR A 217 -10.13 7.28 -11.70
N SER A 218 -10.16 7.32 -13.03
CA SER A 218 -11.11 8.11 -13.78
C SER A 218 -11.57 7.33 -15.00
N GLN A 219 -12.86 7.40 -15.30
CA GLN A 219 -13.44 6.80 -16.49
C GLN A 219 -13.95 7.89 -17.40
N PRO A 220 -13.41 8.05 -18.61
CA PRO A 220 -12.32 7.28 -19.23
C PRO A 220 -10.95 7.76 -18.74
N ASN A 221 -9.86 7.33 -19.37
CA ASN A 221 -8.53 7.65 -18.87
C ASN A 221 -7.56 7.72 -20.05
N ILE A 222 -6.30 8.01 -19.73
CA ILE A 222 -5.27 8.16 -20.76
C ILE A 222 -5.07 6.88 -21.55
N VAL A 223 -5.41 5.72 -20.96
CA VAL A 223 -5.25 4.46 -21.67
C VAL A 223 -6.21 4.38 -22.85
N ASP A 224 -7.45 4.80 -22.65
CA ASP A 224 -8.40 4.85 -23.76
C ASP A 224 -7.90 5.77 -24.86
N GLU A 225 -7.26 6.88 -24.48
CA GLU A 225 -6.70 7.78 -25.48
C GLU A 225 -5.51 7.15 -26.21
N TRP A 226 -4.80 6.25 -25.53
CA TRP A 226 -3.73 5.50 -26.19
C TRP A 226 -4.25 4.33 -27.03
N ARG A 227 -5.44 3.82 -26.73
CA ARG A 227 -6.06 2.86 -27.64
C ARG A 227 -6.44 3.50 -28.97
N LYS A 228 -6.68 4.81 -28.96
CA LYS A 228 -6.89 5.53 -30.22
C LYS A 228 -5.68 5.42 -31.13
N ASN A 229 -4.49 5.28 -30.55
CA ASN A 229 -3.27 5.14 -31.36
C ASN A 229 -3.26 3.75 -32.01
N PRO A 230 -3.02 3.66 -33.32
CA PRO A 230 -2.96 2.33 -33.96
C PRO A 230 -1.75 1.51 -33.54
N LEU A 231 -0.72 2.15 -32.99
CA LEU A 231 0.43 1.44 -32.45
C LEU A 231 0.09 0.65 -31.19
N PHE A 232 -1.10 0.87 -30.62
CA PHE A 232 -1.48 0.20 -29.37
C PHE A 232 -1.58 -1.30 -29.53
N LYS A 233 -1.84 -1.78 -30.75
CA LYS A 233 -2.05 -3.21 -30.98
C LYS A 233 -0.75 -4.01 -30.92
N LEU A 234 0.40 -3.34 -30.83
CA LEU A 234 1.68 -4.05 -30.70
C LEU A 234 1.93 -4.56 -29.29
N LEU A 235 1.10 -4.16 -28.33
CA LEU A 235 1.28 -4.52 -26.93
C LEU A 235 0.84 -5.96 -26.69
N THR A 236 1.71 -6.74 -26.04
CA THR A 236 1.38 -8.11 -25.70
C THR A 236 0.10 -8.19 -24.88
N ALA A 237 -0.09 -7.26 -23.95
CA ALA A 237 -1.31 -7.27 -23.15
C ALA A 237 -2.52 -6.93 -24.01
N ALA A 238 -2.32 -6.21 -25.11
CA ALA A 238 -3.41 -5.96 -26.04
C ALA A 238 -3.63 -7.17 -26.94
N LYS A 239 -2.55 -7.77 -27.44
CA LYS A 239 -2.66 -8.96 -28.28
C LYS A 239 -3.41 -10.08 -27.56
N LYS A 240 -2.84 -10.58 -26.46
CA LYS A 240 -3.45 -11.68 -25.73
C LYS A 240 -4.65 -11.25 -24.89
N GLN A 241 -5.08 -9.99 -24.99
CA GLN A 241 -6.16 -9.44 -24.17
C GLN A 241 -5.89 -9.70 -22.68
N GLN A 242 -4.63 -9.50 -22.28
CA GLN A 242 -4.21 -9.66 -20.90
C GLN A 242 -4.02 -8.31 -20.20
N LEU A 243 -4.72 -7.28 -20.68
CA LEU A 243 -4.78 -5.97 -20.01
C LEU A 243 -6.05 -5.98 -19.17
N VAL A 244 -5.89 -6.20 -17.86
CA VAL A 244 -7.01 -6.43 -16.95
C VAL A 244 -7.17 -5.24 -16.03
N GLU A 245 -8.42 -4.90 -15.71
CA GLU A 245 -8.73 -3.84 -14.78
C GLU A 245 -8.83 -4.41 -13.37
N VAL A 246 -8.09 -3.79 -12.44
CA VAL A 246 -8.00 -4.26 -11.07
C VAL A 246 -8.35 -3.11 -10.13
N SER A 247 -8.46 -3.44 -8.84
CA SER A 247 -8.81 -2.45 -7.84
C SER A 247 -7.60 -1.61 -7.47
N PRO A 248 -7.66 -0.28 -7.65
CA PRO A 248 -6.53 0.55 -7.19
C PRO A 248 -6.44 0.62 -5.67
N GLU A 249 -7.57 0.50 -4.97
CA GLU A 249 -7.53 0.43 -3.51
C GLU A 249 -6.73 -0.78 -3.05
N LEU A 250 -6.95 -1.93 -3.67
CA LEU A 250 -6.26 -3.15 -3.24
C LEU A 250 -4.78 -3.09 -3.60
N TRP A 251 -4.46 -2.61 -4.78
CA TRP A 251 -3.12 -2.73 -5.32
C TRP A 251 -2.23 -1.53 -5.00
N SER A 252 -2.80 -0.36 -4.75
CA SER A 252 -1.99 0.84 -4.58
C SER A 252 -2.16 1.48 -3.22
N LEU A 253 -3.39 1.61 -2.71
CA LEU A 253 -3.63 2.46 -1.56
C LEU A 253 -3.35 1.75 -0.25
N ASN A 254 -3.64 0.45 -0.18
CA ASN A 254 -3.80 -0.23 1.10
C ASN A 254 -2.45 -0.72 1.66
N ARG A 255 -1.61 -1.31 0.80
CA ARG A 255 -0.19 -1.56 1.10
C ARG A 255 -0.02 -2.29 2.43
N GLY A 256 -0.74 -3.39 2.61
CA GLY A 256 -0.67 -4.16 3.84
C GLY A 256 -0.52 -5.65 3.57
N MET A 257 -0.44 -6.40 4.67
CA MET A 257 -0.28 -7.85 4.59
C MET A 257 -1.51 -8.51 4.00
N LEU A 258 -2.68 -8.17 4.52
CA LEU A 258 -3.93 -8.77 4.05
C LEU A 258 -4.25 -8.41 2.61
N ALA A 259 -3.75 -7.28 2.10
CA ALA A 259 -3.95 -6.94 0.70
C ALA A 259 -3.01 -7.72 -0.21
N ALA A 260 -1.77 -7.92 0.25
CA ALA A 260 -0.84 -8.76 -0.49
C ALA A 260 -1.38 -10.18 -0.66
N GLU A 261 -2.14 -10.66 0.33
CA GLU A 261 -2.72 -12.00 0.22
C GLU A 261 -3.85 -12.02 -0.79
N GLU A 262 -4.72 -11.01 -0.77
CA GLU A 262 -5.77 -10.91 -1.78
C GLU A 262 -5.19 -10.67 -3.16
N ILE A 263 -4.04 -10.01 -3.26
CA ILE A 263 -3.38 -9.87 -4.55
C ILE A 263 -2.92 -11.23 -5.07
N ALA A 264 -2.33 -12.05 -4.20
CA ALA A 264 -1.90 -13.37 -4.62
C ALA A 264 -3.10 -14.24 -5.01
N ARG A 265 -4.22 -14.10 -4.30
CA ARG A 265 -5.43 -14.82 -4.68
C ARG A 265 -5.98 -14.31 -6.00
N ASN A 266 -6.04 -12.99 -6.17
CA ASN A 266 -6.55 -12.43 -7.42
C ASN A 266 -5.63 -12.76 -8.58
N LEU A 267 -4.32 -12.74 -8.36
CA LEU A 267 -3.38 -13.08 -9.42
C LEU A 267 -3.52 -14.54 -9.84
N GLU A 268 -3.90 -15.41 -8.91
CA GLU A 268 -4.10 -16.82 -9.24
C GLU A 268 -5.29 -17.01 -10.17
N ALA A 269 -6.39 -16.28 -9.92
CA ALA A 269 -7.56 -16.38 -10.78
C ALA A 269 -7.29 -15.87 -12.19
N LEU A 270 -6.31 -14.99 -12.38
CA LEU A 270 -6.00 -14.51 -13.71
C LEU A 270 -5.25 -15.55 -14.53
N LEU A 271 -4.45 -16.38 -13.89
CA LEU A 271 -3.60 -17.31 -14.61
C LEU A 271 -4.22 -18.71 -14.66
C1 GOL B . -1.34 9.79 -8.49
O1 GOL B . -1.99 8.96 -9.42
C2 GOL B . -0.25 10.57 -9.19
O2 GOL B . -0.77 11.83 -9.58
C3 GOL B . 0.96 10.73 -8.29
O3 GOL B . 1.65 9.49 -8.27
C1 GOL C . -4.48 -4.91 4.40
O1 GOL C . -3.31 -5.68 4.26
C2 GOL C . -4.41 -3.68 3.53
O2 GOL C . -5.45 -3.79 2.60
C3 GOL C . -4.57 -2.40 4.36
O3 GOL C . -5.94 -2.11 4.52
C1 GOL D . -11.97 -6.98 -1.57
O1 GOL D . -13.10 -7.30 -0.78
C2 GOL D . -10.77 -7.73 -1.03
O2 GOL D . -9.61 -7.31 -1.72
C3 GOL D . -10.64 -7.54 0.47
O3 GOL D . -9.58 -8.37 0.91
C1 PEG E . 10.62 6.69 -2.72
O1 PEG E . 11.14 7.62 -1.79
C2 PEG E . 10.14 7.39 -3.97
O2 PEG E . 8.96 8.12 -3.75
C3 PEG E . 9.16 9.51 -3.76
C4 PEG E . 9.11 10.05 -2.36
O4 PEG E . 9.64 11.36 -2.29
CA FLC F . 0.31 5.86 -5.73
CB FLC F . -0.78 6.44 -4.80
CBC FLC F . -2.19 6.33 -5.47
CG FLC F . -0.72 5.72 -3.45
CGC FLC F . -1.49 6.24 -2.22
OA1 FLC F . 0.40 5.86 -8.12
OA2 FLC F . 0.68 7.80 -7.07
OB1 FLC F . -2.56 5.23 -5.92
OB2 FLC F . -2.85 7.38 -5.50
OG1 FLC F . -1.30 5.73 -1.11
OG2 FLC F . -2.29 7.18 -2.43
OHB FLC F . -0.46 7.81 -4.64
CAC FLC G . -4.58 10.77 -2.94
CA FLC G . -3.92 12.11 -3.33
CB FLC G . -2.43 12.10 -3.74
CBC FLC G . -2.24 11.62 -5.21
CG FLC G . -1.92 13.54 -3.58
CGC FLC G . -0.44 13.74 -3.19
OA1 FLC G . -4.56 9.84 -3.78
OA2 FLC G . -5.12 10.70 -1.81
OB1 FLC G . -3.25 11.45 -5.91
OB2 FLC G . -1.05 11.44 -5.57
OG1 FLC G . -0.19 14.32 -2.11
OG2 FLC G . 0.41 13.31 -4.00
OHB FLC G . -1.72 11.26 -2.85
FE FE H . -2.36 8.95 -4.07
#